data_7OA8
#
_entry.id   7OA8
#
_cell.length_a   38.640
_cell.length_b   96.030
_cell.length_c   109.840
_cell.angle_alpha   90.000
_cell.angle_beta   90.000
_cell.angle_gamma   90.000
#
_symmetry.space_group_name_H-M   'P 21 21 21'
#
loop_
_entity.id
_entity.type
_entity.pdbx_description
1 polymer 'PilC minor pilin'
2 water water
#
_entity_poly.entity_id   1
_entity_poly.type   'polypeptide(L)'
_entity_poly.pdbx_seq_one_letter_code
;STGYQNILGQRNQNALNFDIQEDFETRLAKIKKDGGSGNDVEIFTYRIGKNGRSNSVSVKGTTLSYKDNKVKNIHLFAAN
KKEIPLDIPEDLVVSLKDTNRYYYYAGETGPAGQAGFKDNKQSTKAKIHTSSAWFLSESSINYNNSRIVPVGTLGSNVQD
QGFGIVLPKLPDDFQQISSNEKPIAITDEMRGRYLTFAARGINSFGRVGKYQEGPQRIWVMGLPNRGMRSNLVLHTDADL
ALMRNSDNTISAIPADGVAHTNTVVANYAETKKNGVYGAVIPVINYKEPAINQTRQLIALNDSKIQFSNHDFNKGYTTSM
LIGNRQQTGSLLTYKLDNSLNWTVSLEANGKIAIETVDNTNANNGGRQYANVVLDYTKDNSIQVRASVTNKILTLEVFVN
GALVHTHELFMERNGVTHDIRKSQIIFGGKTFINEFAVYNKKLTDSEINILAEYFSDKYRAKA
;
_entity_poly.pdbx_strand_id   A
#
# COMPACT_ATOMS: atom_id res chain seq x y z
N GLU A 83 39.17 0.83 7.18
CA GLU A 83 38.45 1.74 6.30
C GLU A 83 38.10 3.05 7.01
N ILE A 84 37.75 2.96 8.29
CA ILE A 84 37.26 4.11 9.04
C ILE A 84 38.41 4.69 9.85
N PRO A 85 38.58 6.01 9.89
CA PRO A 85 39.65 6.59 10.71
C PRO A 85 39.41 6.32 12.19
N LEU A 86 40.50 6.07 12.91
CA LEU A 86 40.39 5.70 14.32
C LEU A 86 39.79 6.80 15.18
N ASP A 87 39.84 8.06 14.74
CA ASP A 87 39.47 9.15 15.61
C ASP A 87 38.03 9.65 15.40
N ILE A 88 37.26 9.03 14.52
CA ILE A 88 35.84 9.35 14.43
C ILE A 88 35.15 8.84 15.68
N PRO A 89 34.46 9.70 16.44
CA PRO A 89 33.75 9.24 17.63
C PRO A 89 32.61 8.30 17.30
N GLU A 90 32.22 7.50 18.30
CA GLU A 90 31.21 6.47 18.15
C GLU A 90 29.79 6.96 18.38
N ASP A 91 29.60 8.20 18.81
CA ASP A 91 28.29 8.68 19.26
C ASP A 91 27.59 9.58 18.24
N LEU A 92 27.73 9.30 16.94
CA LEU A 92 26.97 10.05 15.95
C LEU A 92 25.51 9.64 16.01
N VAL A 93 24.61 10.61 16.09
CA VAL A 93 23.19 10.36 16.19
C VAL A 93 22.53 10.86 14.90
N VAL A 94 21.81 9.97 14.22
CA VAL A 94 21.21 10.26 12.93
C VAL A 94 19.71 9.97 13.03
N SER A 95 18.89 10.92 12.60
CA SER A 95 17.44 10.75 12.72
C SER A 95 16.71 11.55 11.66
N LEU A 96 15.40 11.28 11.56
CA LEU A 96 14.48 12.07 10.76
C LEU A 96 13.78 13.05 11.68
N LYS A 97 13.74 14.32 11.29
CA LYS A 97 13.22 15.37 12.15
C LYS A 97 11.70 15.48 12.05
N ASP A 98 11.05 15.61 13.21
CA ASP A 98 9.64 16.00 13.30
C ASP A 98 8.75 15.17 12.37
N THR A 99 8.85 13.85 12.51
CA THR A 99 7.90 12.98 11.83
C THR A 99 7.85 11.66 12.57
N ASN A 100 6.64 11.08 12.63
CA ASN A 100 6.45 9.70 13.07
C ASN A 100 5.86 8.87 11.94
N ARG A 101 5.88 9.38 10.72
CA ARG A 101 5.34 8.71 9.55
C ARG A 101 6.49 8.38 8.61
N TYR A 102 6.60 7.11 8.23
CA TYR A 102 7.75 6.65 7.46
C TYR A 102 7.36 6.09 6.10
N TYR A 103 6.21 6.50 5.59
CA TYR A 103 5.81 6.29 4.21
C TYR A 103 5.33 7.62 3.65
N TYR A 104 5.61 7.86 2.36
CA TYR A 104 5.17 9.08 1.70
C TYR A 104 4.75 8.75 0.28
N TYR A 105 3.77 9.50 -0.21
CA TYR A 105 3.31 9.37 -1.59
C TYR A 105 4.08 10.29 -2.51
N ALA A 106 4.14 9.90 -3.79
CA ALA A 106 4.63 10.81 -4.81
C ALA A 106 3.87 12.12 -4.76
N GLY A 107 4.59 13.23 -4.91
CA GLY A 107 4.04 14.56 -4.83
C GLY A 107 4.17 15.20 -3.47
N GLU A 108 4.48 14.41 -2.44
CA GLU A 108 4.73 14.93 -1.11
C GLU A 108 6.17 15.38 -0.99
N THR A 109 6.47 16.08 0.09
CA THR A 109 7.84 16.39 0.48
C THR A 109 8.16 15.68 1.78
N GLY A 110 9.30 14.98 1.81
CA GLY A 110 9.68 14.23 2.97
C GLY A 110 10.20 15.15 4.07
N PRO A 111 10.60 14.54 5.20
CA PRO A 111 11.09 15.34 6.32
C PRO A 111 12.56 15.71 6.13
N ALA A 112 12.99 16.67 6.92
CA ALA A 112 14.42 16.94 7.02
C ALA A 112 15.12 15.84 7.79
N GLY A 113 16.39 15.62 7.46
CA GLY A 113 17.23 14.80 8.31
C GLY A 113 17.92 15.63 9.37
N GLN A 114 18.45 14.97 10.39
CA GLN A 114 19.26 15.68 11.37
C GLN A 114 20.33 14.74 11.91
N ALA A 115 21.53 15.28 12.12
CA ALA A 115 22.64 14.45 12.54
C ALA A 115 23.64 15.28 13.33
N GLY A 116 24.25 14.65 14.32
CA GLY A 116 25.28 15.30 15.11
C GLY A 116 25.79 14.37 16.19
N PHE A 117 26.98 14.69 16.68
CA PHE A 117 27.56 13.88 17.74
C PHE A 117 26.89 14.21 19.07
N LYS A 118 26.61 13.16 19.86
CA LYS A 118 25.97 13.35 21.15
C LYS A 118 26.82 14.20 22.08
N ASP A 119 28.11 13.90 22.17
CA ASP A 119 29.05 14.70 22.95
C ASP A 119 29.75 15.64 21.98
N ASN A 120 29.22 16.86 21.85
CA ASN A 120 29.79 17.82 20.91
C ASN A 120 31.10 18.39 21.42
N LYS A 121 31.28 18.47 22.74
CA LYS A 121 32.58 18.89 23.27
C LYS A 121 33.68 17.94 22.82
N GLN A 122 33.41 16.64 22.86
CA GLN A 122 34.40 15.64 22.47
C GLN A 122 34.71 15.74 20.97
N SER A 123 33.68 15.84 20.12
CA SER A 123 33.92 15.83 18.69
C SER A 123 34.63 17.11 18.22
N THR A 124 34.36 18.24 18.86
CA THR A 124 35.09 19.46 18.53
C THR A 124 36.56 19.36 18.91
N LYS A 125 36.85 18.82 20.10
CA LYS A 125 38.24 18.66 20.53
C LYS A 125 39.02 17.77 19.58
N ALA A 126 38.36 16.72 19.05
CA ALA A 126 38.99 15.89 18.03
C ALA A 126 38.98 16.55 16.66
N LYS A 127 38.37 17.73 16.53
CA LYS A 127 38.24 18.44 15.25
C LYS A 127 37.55 17.58 14.19
N ILE A 128 36.39 17.04 14.54
CA ILE A 128 35.57 16.23 13.65
C ILE A 128 34.37 17.07 13.22
N HIS A 129 34.06 17.04 11.93
CA HIS A 129 32.82 17.64 11.46
C HIS A 129 31.99 16.55 10.79
N THR A 130 30.85 16.94 10.21
CA THR A 130 29.94 15.97 9.61
C THR A 130 29.62 16.35 8.18
N SER A 131 29.22 15.33 7.42
CA SER A 131 28.62 15.46 6.09
C SER A 131 27.40 14.58 6.08
N SER A 132 26.40 14.93 5.28
CA SER A 132 25.18 14.14 5.29
C SER A 132 24.60 14.09 3.89
N ALA A 133 23.66 13.15 3.69
CA ALA A 133 23.12 12.95 2.35
C ALA A 133 21.83 12.13 2.42
N TRP A 134 20.96 12.36 1.45
CA TRP A 134 19.84 11.45 1.22
C TRP A 134 20.20 10.46 0.12
N PHE A 135 19.66 9.24 0.23
CA PHE A 135 19.92 8.16 -0.70
C PHE A 135 18.59 7.55 -1.14
N LEU A 136 18.52 7.17 -2.41
CA LEU A 136 17.33 6.53 -3.00
C LEU A 136 17.69 5.12 -3.42
N SER A 137 16.93 4.13 -2.97
CA SER A 137 17.28 2.78 -3.36
C SER A 137 17.03 2.56 -4.83
N GLU A 138 17.79 1.62 -5.42
CA GLU A 138 17.73 1.32 -6.84
C GLU A 138 16.45 0.56 -7.19
N SER A 139 16.24 0.37 -8.50
CA SER A 139 15.04 -0.31 -8.97
C SER A 139 15.03 -1.80 -8.65
N SER A 140 16.18 -2.37 -8.26
CA SER A 140 16.27 -3.77 -7.86
C SER A 140 17.35 -3.89 -6.80
N ILE A 141 17.31 -5.00 -6.07
CA ILE A 141 18.29 -5.31 -5.02
C ILE A 141 19.18 -6.43 -5.53
N ASN A 142 20.49 -6.25 -5.41
CA ASN A 142 21.44 -7.30 -5.78
C ASN A 142 21.71 -8.13 -4.54
N TYR A 143 21.11 -9.32 -4.47
CA TYR A 143 21.26 -10.21 -3.33
C TYR A 143 21.38 -11.63 -3.82
N ASN A 144 22.33 -12.37 -3.23
CA ASN A 144 22.59 -13.77 -3.58
C ASN A 144 22.83 -13.92 -5.08
N ASN A 145 23.57 -12.96 -5.65
CA ASN A 145 24.00 -13.03 -7.05
C ASN A 145 22.80 -13.04 -8.00
N SER A 146 21.77 -12.25 -7.67
CA SER A 146 20.59 -12.11 -8.50
C SER A 146 19.97 -10.74 -8.25
N ARG A 147 18.96 -10.41 -9.05
CA ARG A 147 18.27 -9.13 -8.92
C ARG A 147 16.86 -9.37 -8.38
N ILE A 148 16.58 -8.79 -7.21
CA ILE A 148 15.35 -9.03 -6.46
C ILE A 148 14.50 -7.76 -6.51
N VAL A 149 13.19 -7.95 -6.65
CA VAL A 149 12.28 -6.79 -6.71
C VAL A 149 12.15 -6.19 -5.31
N PRO A 150 12.20 -4.87 -5.17
CA PRO A 150 12.04 -4.27 -3.84
C PRO A 150 10.59 -4.33 -3.42
N VAL A 151 10.39 -4.63 -2.14
CA VAL A 151 9.07 -4.72 -1.52
C VAL A 151 9.05 -3.82 -0.29
N GLY A 152 7.91 -3.16 -0.08
CA GLY A 152 7.81 -2.22 1.02
C GLY A 152 7.67 -2.90 2.38
N THR A 153 8.16 -2.19 3.40
CA THR A 153 7.96 -2.52 4.80
C THR A 153 8.01 -1.22 5.59
N LEU A 154 7.27 -1.17 6.70
CA LEU A 154 7.41 -0.04 7.62
C LEU A 154 8.23 -0.41 8.85
N GLY A 155 8.80 -1.61 8.88
CA GLY A 155 9.61 -2.02 10.03
C GLY A 155 10.95 -1.29 10.09
N SER A 156 11.55 -1.31 11.27
CA SER A 156 12.84 -0.65 11.50
C SER A 156 13.92 -1.16 10.55
N GLN A 161 16.37 -10.96 11.45
CA GLN A 161 16.23 -11.20 10.02
C GLN A 161 16.14 -12.71 9.74
N GLY A 162 17.28 -13.31 9.42
CA GLY A 162 17.26 -14.70 8.99
C GLY A 162 16.48 -14.83 7.69
N PHE A 163 15.52 -15.74 7.68
CA PHE A 163 14.66 -15.94 6.52
C PHE A 163 13.58 -14.87 6.47
N GLY A 164 13.45 -14.21 5.33
CA GLY A 164 12.38 -13.25 5.20
C GLY A 164 12.68 -12.22 4.13
N ILE A 165 12.12 -11.03 4.32
CA ILE A 165 12.20 -9.96 3.33
C ILE A 165 13.65 -9.66 2.93
N VAL A 166 13.83 -9.33 1.66
CA VAL A 166 15.10 -8.89 1.10
C VAL A 166 15.06 -7.37 1.01
N LEU A 167 15.99 -6.71 1.70
CA LEU A 167 15.98 -5.25 1.74
C LEU A 167 17.25 -4.70 1.11
N PRO A 168 17.20 -3.49 0.56
CA PRO A 168 18.41 -2.92 -0.04
C PRO A 168 19.46 -2.62 1.02
N LYS A 169 20.72 -2.85 0.67
CA LYS A 169 21.85 -2.56 1.55
C LYS A 169 22.43 -1.20 1.21
N LEU A 170 22.73 -0.42 2.23
CA LEU A 170 23.44 0.84 2.04
C LEU A 170 24.95 0.59 2.14
N PRO A 171 25.74 0.99 1.15
CA PRO A 171 25.33 1.82 0.01
C PRO A 171 25.15 1.10 -1.34
N ASP A 172 25.43 -0.21 -1.40
CA ASP A 172 25.49 -0.91 -2.70
C ASP A 172 24.18 -0.83 -3.47
N ASP A 173 23.05 -0.82 -2.77
CA ASP A 173 21.75 -0.85 -3.42
C ASP A 173 21.07 0.52 -3.47
N PHE A 174 21.83 1.59 -3.24
CA PHE A 174 21.31 2.95 -3.21
C PHE A 174 22.12 3.83 -4.16
N GLN A 175 21.53 4.94 -4.58
CA GLN A 175 22.27 6.03 -5.20
C GLN A 175 22.12 7.28 -4.33
N GLN A 176 23.21 7.99 -4.10
CA GLN A 176 23.13 9.25 -3.38
C GLN A 176 22.44 10.28 -4.26
N ILE A 177 21.46 10.99 -3.69
CA ILE A 177 20.68 11.96 -4.46
C ILE A 177 20.82 13.38 -3.95
N SER A 178 21.39 13.60 -2.77
CA SER A 178 21.62 14.94 -2.27
C SER A 178 22.90 14.94 -1.46
N SER A 179 23.33 16.14 -1.06
CA SER A 179 24.56 16.28 -0.28
C SER A 179 24.31 17.02 1.03
N ASN A 180 23.08 16.93 1.55
CA ASN A 180 22.73 17.63 2.78
C ASN A 180 21.46 17.01 3.35
N GLU A 181 20.98 17.59 4.45
CA GLU A 181 19.84 17.03 5.17
C GLU A 181 18.49 17.57 4.73
N LYS A 182 18.46 18.49 3.76
CA LYS A 182 17.21 19.17 3.41
C LYS A 182 16.16 18.18 2.90
N PRO A 183 14.88 18.49 3.13
CA PRO A 183 13.79 17.59 2.69
C PRO A 183 13.82 17.31 1.19
N ILE A 184 13.46 16.08 0.84
CA ILE A 184 13.37 15.62 -0.53
C ILE A 184 11.94 15.76 -1.02
N ALA A 185 11.78 16.41 -2.16
CA ALA A 185 10.49 16.39 -2.86
C ALA A 185 10.31 15.03 -3.52
N ILE A 186 9.26 14.31 -3.13
CA ILE A 186 9.04 12.94 -3.59
C ILE A 186 8.45 12.97 -4.99
N THR A 187 9.14 12.38 -5.95
CA THR A 187 8.72 12.42 -7.34
C THR A 187 8.04 11.12 -7.75
N ASP A 188 7.38 11.18 -8.90
CA ASP A 188 6.79 9.96 -9.47
C ASP A 188 7.84 8.89 -9.72
N GLU A 189 9.06 9.29 -10.09
CA GLU A 189 10.12 8.34 -10.38
C GLU A 189 10.66 7.65 -9.13
N MET A 190 10.27 8.08 -7.93
CA MET A 190 10.68 7.44 -6.69
C MET A 190 9.68 6.43 -6.15
N ARG A 191 8.53 6.23 -6.81
CA ARG A 191 7.53 5.33 -6.25
C ARG A 191 8.08 3.91 -6.14
N GLY A 192 7.77 3.25 -5.02
CA GLY A 192 8.20 1.88 -4.84
C GLY A 192 9.67 1.75 -4.51
N ARG A 193 10.27 2.77 -3.91
CA ARG A 193 11.67 2.77 -3.52
C ARG A 193 11.78 3.22 -2.07
N TYR A 194 12.94 2.93 -1.46
CA TYR A 194 13.27 3.48 -0.15
C TYR A 194 14.10 4.75 -0.29
N LEU A 195 13.83 5.71 0.58
CA LEU A 195 14.70 6.85 0.83
C LEU A 195 15.31 6.70 2.21
N THR A 196 16.60 6.98 2.36
CA THR A 196 17.18 6.96 3.68
C THR A 196 18.13 8.14 3.82
N PHE A 197 18.16 8.71 5.01
CA PHE A 197 19.06 9.81 5.33
C PHE A 197 20.23 9.26 6.13
N ALA A 198 21.46 9.63 5.74
CA ALA A 198 22.64 9.12 6.41
C ALA A 198 23.63 10.26 6.60
N ALA A 199 24.52 10.09 7.57
CA ALA A 199 25.55 11.09 7.85
C ALA A 199 26.83 10.40 8.26
N ARG A 200 27.94 11.14 8.20
CA ARG A 200 29.24 10.60 8.54
C ARG A 200 30.10 11.64 9.22
N GLY A 201 31.00 11.17 10.08
CA GLY A 201 32.06 12.04 10.59
C GLY A 201 33.23 12.16 9.61
N ILE A 202 33.88 13.31 9.65
CA ILE A 202 35.06 13.59 8.83
C ILE A 202 36.08 14.32 9.70
N ASN A 203 37.31 13.82 9.77
CA ASN A 203 38.27 14.50 10.63
C ASN A 203 38.92 15.67 9.89
N SER A 204 39.73 16.41 10.63
CA SER A 204 40.27 17.67 10.10
C SER A 204 41.29 17.47 9.00
N PHE A 205 41.73 16.24 8.74
CA PHE A 205 42.54 15.93 7.57
C PHE A 205 41.68 15.51 6.37
N GLY A 206 40.36 15.65 6.50
CA GLY A 206 39.45 15.28 5.43
C GLY A 206 39.22 13.79 5.24
N ARG A 207 39.66 12.95 6.17
CA ARG A 207 39.40 11.51 6.11
C ARG A 207 37.99 11.24 6.59
N VAL A 208 37.19 10.58 5.77
CA VAL A 208 35.77 10.40 6.06
C VAL A 208 35.51 9.07 6.74
N GLY A 209 34.56 9.07 7.68
CA GLY A 209 33.99 7.84 8.18
C GLY A 209 32.96 7.30 7.21
N LYS A 210 32.30 6.23 7.65
CA LYS A 210 31.24 5.62 6.87
C LYS A 210 29.93 6.37 7.08
N TYR A 211 29.11 6.45 6.03
CA TYR A 211 27.77 6.97 6.18
C TYR A 211 26.97 6.05 7.10
N GLN A 212 26.25 6.63 8.05
CA GLN A 212 25.46 5.90 9.02
C GLN A 212 24.01 6.36 8.93
N GLU A 213 23.06 5.43 8.76
CA GLU A 213 21.66 5.84 8.76
C GLU A 213 21.08 5.82 10.17
N GLY A 214 19.93 6.51 10.31
CA GLY A 214 19.15 6.40 11.50
C GLY A 214 18.41 5.08 11.55
N PRO A 215 17.58 4.90 12.59
CA PRO A 215 16.95 3.60 12.80
C PRO A 215 15.86 3.26 11.80
N GLN A 216 15.43 4.21 10.97
CA GLN A 216 14.18 4.06 10.22
C GLN A 216 14.28 4.67 8.83
N ARG A 217 13.96 3.86 7.82
CA ARG A 217 13.92 4.33 6.43
C ARG A 217 12.52 4.78 6.06
N ILE A 218 12.43 5.51 4.94
CA ILE A 218 11.14 5.88 4.35
C ILE A 218 10.82 4.99 3.15
N TRP A 219 9.58 4.54 3.07
CA TRP A 219 9.08 3.84 1.89
C TRP A 219 8.26 4.83 1.07
N VAL A 220 8.58 4.96 -0.21
CA VAL A 220 7.76 5.77 -1.12
C VAL A 220 6.68 4.87 -1.71
N MET A 221 5.43 5.19 -1.42
CA MET A 221 4.30 4.36 -1.84
C MET A 221 4.34 4.13 -3.33
N GLY A 222 4.07 2.88 -3.74
CA GLY A 222 4.10 2.55 -5.15
C GLY A 222 2.91 3.09 -5.91
N LEU A 223 1.78 3.30 -5.22
CA LEU A 223 0.53 3.70 -5.87
C LEU A 223 0.68 4.99 -6.69
N PRO A 224 0.38 4.97 -7.98
CA PRO A 224 0.43 6.20 -8.78
C PRO A 224 -0.49 7.27 -8.21
N ASN A 225 -0.03 8.52 -8.28
CA ASN A 225 -0.79 9.69 -7.85
C ASN A 225 -1.34 10.40 -9.09
N ARG A 226 -0.52 11.21 -9.74
CA ARG A 226 -0.92 11.98 -10.92
C ARG A 226 -2.29 12.63 -10.70
N GLY A 227 -2.35 13.49 -9.68
CA GLY A 227 -3.56 14.22 -9.36
C GLY A 227 -4.68 13.41 -8.76
N MET A 228 -4.47 12.10 -8.52
CA MET A 228 -5.52 11.29 -7.93
C MET A 228 -5.61 11.42 -6.41
N ARG A 229 -4.60 12.01 -5.75
CA ARG A 229 -4.55 11.86 -4.30
C ARG A 229 -5.62 12.67 -3.56
N SER A 230 -6.12 13.76 -4.16
CA SER A 230 -7.22 14.47 -3.51
C SER A 230 -8.47 13.61 -3.41
N ASN A 231 -8.58 12.56 -4.21
CA ASN A 231 -9.76 11.71 -4.18
C ASN A 231 -9.50 10.33 -3.58
N LEU A 232 -8.28 10.06 -3.11
CA LEU A 232 -7.98 8.79 -2.47
C LEU A 232 -8.50 8.84 -1.03
N VAL A 233 -9.55 8.06 -0.73
CA VAL A 233 -10.18 8.10 0.58
C VAL A 233 -9.74 6.94 1.47
N LEU A 234 -9.46 5.78 0.87
CA LEU A 234 -8.95 4.62 1.59
C LEU A 234 -7.80 4.00 0.80
N HIS A 235 -6.74 3.59 1.50
CA HIS A 235 -5.64 2.90 0.82
C HIS A 235 -4.93 2.02 1.82
N THR A 236 -4.85 0.72 1.51
CA THR A 236 -4.18 -0.23 2.38
C THR A 236 -3.33 -1.14 1.51
N ASP A 237 -2.01 -1.08 1.72
CA ASP A 237 -1.06 -1.96 1.04
C ASP A 237 -0.67 -3.00 2.09
N ALA A 238 -1.02 -4.27 1.85
CA ALA A 238 -0.81 -5.30 2.86
C ALA A 238 0.66 -5.41 3.26
N ASP A 239 1.58 -5.08 2.34
CA ASP A 239 3.00 -5.19 2.64
C ASP A 239 3.41 -4.30 3.81
N LEU A 240 2.65 -3.24 4.10
CA LEU A 240 3.02 -2.31 5.15
C LEU A 240 2.48 -2.72 6.52
N ALA A 241 1.70 -3.79 6.60
CA ALA A 241 1.21 -4.27 7.89
C ALA A 241 2.36 -4.69 8.80
N LEU A 242 2.18 -4.44 10.10
CA LEU A 242 3.15 -4.83 11.11
C LEU A 242 2.42 -5.64 12.18
N MET A 243 3.15 -6.14 13.16
CA MET A 243 2.55 -6.89 14.24
C MET A 243 2.86 -6.24 15.58
N ARG A 244 1.89 -6.27 16.50
CA ARG A 244 2.06 -5.72 17.83
C ARG A 244 2.38 -6.85 18.79
N ASN A 245 3.51 -6.73 19.47
CA ASN A 245 3.97 -7.74 20.41
C ASN A 245 3.36 -7.52 21.79
N SER A 246 3.61 -8.48 22.68
CA SER A 246 3.07 -8.41 24.04
C SER A 246 3.46 -7.12 24.73
N ASP A 247 4.73 -6.75 24.64
CA ASP A 247 5.27 -5.56 25.27
C ASP A 247 4.94 -4.28 24.52
N ASN A 248 3.95 -4.34 23.63
CA ASN A 248 3.41 -3.23 22.85
C ASN A 248 4.41 -2.67 21.85
N THR A 249 5.64 -3.19 21.78
CA THR A 249 6.51 -2.85 20.67
C THR A 249 5.92 -3.40 19.38
N ILE A 250 6.31 -2.79 18.26
CA ILE A 250 5.78 -3.15 16.95
C ILE A 250 6.94 -3.61 16.08
N SER A 251 6.76 -4.74 15.40
CA SER A 251 7.84 -5.31 14.60
C SER A 251 7.26 -5.95 13.35
N ALA A 252 8.16 -6.35 12.45
CA ALA A 252 7.75 -7.00 11.21
C ALA A 252 7.06 -8.32 11.50
N ILE A 253 6.09 -8.66 10.65
CA ILE A 253 5.44 -9.97 10.70
C ILE A 253 6.41 -11.04 10.21
N PRO A 254 6.58 -12.15 10.92
CA PRO A 254 7.53 -13.17 10.46
C PRO A 254 7.04 -13.82 9.17
N ALA A 255 7.98 -14.15 8.29
CA ALA A 255 7.67 -14.77 7.00
C ALA A 255 7.37 -16.27 7.16
N ASP A 256 6.38 -16.58 8.01
CA ASP A 256 6.12 -17.98 8.36
C ASP A 256 4.90 -18.57 7.67
N GLY A 257 4.28 -17.83 6.74
CA GLY A 257 3.24 -18.39 5.92
C GLY A 257 1.89 -18.59 6.57
N VAL A 258 1.72 -18.21 7.84
CA VAL A 258 0.45 -18.40 8.53
C VAL A 258 -0.11 -17.04 8.93
N ALA A 259 -1.42 -16.98 9.12
CA ALA A 259 -2.04 -15.71 9.44
C ALA A 259 -1.73 -15.30 10.88
N HIS A 260 -1.47 -14.02 11.07
CA HIS A 260 -1.37 -13.41 12.39
C HIS A 260 -2.50 -12.40 12.55
N THR A 261 -3.08 -12.33 13.75
CA THR A 261 -4.16 -11.40 14.02
C THR A 261 -3.77 -10.25 14.94
N ASN A 262 -2.59 -10.26 15.54
CA ASN A 262 -2.13 -9.12 16.33
C ASN A 262 -1.40 -8.12 15.43
N THR A 263 -2.17 -7.56 14.50
CA THR A 263 -1.64 -6.82 13.37
C THR A 263 -1.91 -5.33 13.50
N VAL A 264 -1.02 -4.53 12.91
CA VAL A 264 -1.17 -3.08 12.78
C VAL A 264 -1.38 -2.80 11.30
N VAL A 265 -2.62 -2.52 10.93
CA VAL A 265 -3.02 -2.26 9.56
C VAL A 265 -3.75 -0.92 9.54
N ALA A 266 -3.44 -0.09 8.54
CA ALA A 266 -3.98 1.26 8.53
C ALA A 266 -4.51 1.63 7.14
N ASN A 267 -5.35 2.67 7.15
CA ASN A 267 -5.64 3.47 5.95
C ASN A 267 -4.47 4.44 5.78
N TYR A 268 -3.55 4.12 4.88
CA TYR A 268 -2.35 4.96 4.75
C TYR A 268 -2.63 6.27 4.04
N ALA A 269 -3.73 6.37 3.30
CA ALA A 269 -4.10 7.65 2.71
C ALA A 269 -4.37 8.70 3.77
N GLU A 270 -4.65 8.29 5.00
CA GLU A 270 -4.87 9.22 6.11
C GLU A 270 -3.51 9.56 6.70
N THR A 271 -2.98 10.73 6.38
CA THR A 271 -1.64 11.12 6.82
C THR A 271 -1.65 12.15 7.93
N LYS A 272 -2.83 12.58 8.40
CA LYS A 272 -2.92 13.56 9.47
C LYS A 272 -3.24 12.90 10.81
N LYS A 273 -4.39 12.24 10.90
CA LYS A 273 -4.83 11.61 12.14
C LYS A 273 -4.53 10.10 12.09
N ASN A 274 -4.87 9.43 13.18
CA ASN A 274 -4.63 7.99 13.28
C ASN A 274 -5.48 7.24 12.27
N GLY A 275 -4.82 6.53 11.35
CA GLY A 275 -5.52 5.73 10.37
C GLY A 275 -5.52 4.24 10.64
N VAL A 276 -4.95 3.79 11.76
CA VAL A 276 -4.88 2.37 12.07
C VAL A 276 -6.28 1.81 12.25
N TYR A 277 -6.56 0.69 11.60
CA TYR A 277 -7.88 0.08 11.67
C TYR A 277 -8.09 -0.59 13.01
N GLY A 278 -9.32 -0.49 13.53
CA GLY A 278 -9.69 -1.18 14.74
C GLY A 278 -10.18 -2.60 14.56
N ALA A 279 -10.43 -3.03 13.33
CA ALA A 279 -10.98 -4.35 13.06
C ALA A 279 -9.88 -5.42 13.12
N VAL A 280 -10.32 -6.67 13.24
CA VAL A 280 -9.40 -7.81 13.21
C VAL A 280 -9.07 -8.10 11.74
N ILE A 281 -7.81 -7.88 11.36
CA ILE A 281 -7.38 -8.09 10.00
C ILE A 281 -6.20 -9.07 10.01
N PRO A 282 -6.46 -10.34 9.71
CA PRO A 282 -5.35 -11.31 9.67
C PRO A 282 -4.46 -11.05 8.46
N VAL A 283 -3.15 -11.08 8.70
CA VAL A 283 -2.18 -10.88 7.63
C VAL A 283 -1.21 -12.04 7.60
N ILE A 284 -0.89 -12.50 6.39
CA ILE A 284 0.11 -13.54 6.16
C ILE A 284 1.31 -12.89 5.49
N ASN A 285 2.49 -13.13 6.04
CA ASN A 285 3.75 -12.80 5.38
C ASN A 285 4.39 -14.10 4.95
N TYR A 286 4.82 -14.17 3.69
CA TYR A 286 5.40 -15.42 3.20
C TYR A 286 6.37 -15.11 2.07
N LYS A 287 7.30 -16.02 1.86
CA LYS A 287 8.28 -15.91 0.78
C LYS A 287 7.67 -16.54 -0.47
N GLU A 288 7.43 -15.70 -1.48
CA GLU A 288 6.76 -16.13 -2.71
C GLU A 288 7.81 -16.63 -3.69
N PRO A 289 7.84 -17.92 -4.00
CA PRO A 289 8.92 -18.45 -4.86
C PRO A 289 9.01 -17.78 -6.23
N ALA A 290 7.89 -17.28 -6.76
CA ALA A 290 7.93 -16.68 -8.09
C ALA A 290 8.89 -15.49 -8.15
N ILE A 291 9.18 -14.87 -7.01
CA ILE A 291 9.96 -13.63 -6.98
C ILE A 291 11.15 -13.70 -6.02
N ASN A 292 11.35 -14.82 -5.33
CA ASN A 292 12.42 -14.96 -4.34
C ASN A 292 12.41 -13.78 -3.37
N GLN A 293 11.24 -13.44 -2.87
CA GLN A 293 11.02 -12.25 -2.08
C GLN A 293 9.72 -12.42 -1.31
N THR A 294 9.62 -11.76 -0.17
CA THR A 294 8.40 -11.84 0.61
C THR A 294 7.38 -10.81 0.15
N ARG A 295 6.12 -11.09 0.49
CA ARG A 295 5.04 -10.12 0.39
C ARG A 295 3.94 -10.58 1.33
N GLN A 296 2.97 -9.69 1.54
CA GLN A 296 1.96 -9.93 2.55
C GLN A 296 0.58 -9.91 1.94
N LEU A 297 -0.34 -10.61 2.59
CA LEU A 297 -1.70 -10.76 2.09
C LEU A 297 -2.66 -10.65 3.26
N ILE A 298 -3.69 -9.83 3.09
CA ILE A 298 -4.79 -9.80 4.05
C ILE A 298 -5.65 -11.03 3.80
N ALA A 299 -5.90 -11.80 4.85
CA ALA A 299 -6.62 -13.07 4.74
C ALA A 299 -7.82 -13.06 5.67
N LEU A 300 -8.93 -12.48 5.19
CA LEU A 300 -10.08 -12.24 6.05
C LEU A 300 -10.80 -13.53 6.43
N ASN A 301 -10.61 -14.61 5.65
CA ASN A 301 -11.20 -15.91 5.95
C ASN A 301 -12.69 -15.80 6.25
N ASP A 302 -13.39 -15.11 5.36
CA ASP A 302 -14.85 -14.91 5.31
C ASP A 302 -15.34 -13.88 6.33
N SER A 303 -14.49 -13.33 7.18
CA SER A 303 -14.87 -12.19 7.99
C SER A 303 -14.91 -10.93 7.13
N LYS A 304 -15.54 -9.89 7.66
CA LYS A 304 -15.76 -8.65 6.93
C LYS A 304 -15.01 -7.49 7.60
N ILE A 305 -14.67 -6.49 6.79
CA ILE A 305 -14.27 -5.18 7.29
C ILE A 305 -15.11 -4.13 6.58
N GLN A 306 -15.67 -3.20 7.35
CA GLN A 306 -16.77 -2.34 6.92
C GLN A 306 -16.33 -0.88 6.94
N PHE A 307 -16.60 -0.17 5.85
CA PHE A 307 -16.36 1.27 5.75
C PHE A 307 -17.66 1.95 5.37
N SER A 308 -18.10 2.91 6.17
CA SER A 308 -19.41 3.51 6.04
C SER A 308 -19.34 4.95 5.54
N ASN A 309 -20.52 5.45 5.15
CA ASN A 309 -20.73 6.88 4.86
C ASN A 309 -19.97 7.33 3.61
N HIS A 310 -20.15 6.60 2.51
CA HIS A 310 -19.55 6.96 1.23
C HIS A 310 -20.66 7.35 0.26
N ASP A 311 -20.61 8.58 -0.24
CA ASP A 311 -21.67 9.15 -1.06
C ASP A 311 -21.41 8.77 -2.51
N PHE A 312 -22.08 7.71 -2.98
CA PHE A 312 -21.80 7.22 -4.33
C PHE A 312 -22.27 8.19 -5.42
N ASN A 313 -23.04 9.22 -5.07
CA ASN A 313 -23.37 10.27 -6.03
C ASN A 313 -22.12 11.02 -6.49
N LYS A 314 -21.04 10.99 -5.71
CA LYS A 314 -19.81 11.60 -6.17
C LYS A 314 -19.16 10.81 -7.29
N GLY A 315 -19.57 9.55 -7.47
CA GLY A 315 -18.81 8.59 -8.23
C GLY A 315 -17.82 7.91 -7.30
N TYR A 316 -17.62 6.61 -7.42
CA TYR A 316 -16.75 5.91 -6.49
C TYR A 316 -16.05 4.77 -7.20
N THR A 317 -14.81 4.49 -6.79
CA THR A 317 -14.01 3.44 -7.41
C THR A 317 -13.26 2.65 -6.35
N THR A 318 -13.40 1.33 -6.39
CA THR A 318 -12.62 0.44 -5.53
C THR A 318 -11.69 -0.40 -6.41
N SER A 319 -10.39 -0.34 -6.14
CA SER A 319 -9.39 -1.03 -6.95
C SER A 319 -8.59 -1.95 -6.05
N MET A 320 -8.57 -3.25 -6.39
CA MET A 320 -7.96 -4.26 -5.54
C MET A 320 -6.97 -5.10 -6.31
N LEU A 321 -5.94 -5.57 -5.60
CA LEU A 321 -5.04 -6.61 -6.10
C LEU A 321 -5.20 -7.81 -5.18
N ILE A 322 -5.51 -8.98 -5.75
CA ILE A 322 -5.62 -10.21 -4.96
C ILE A 322 -4.53 -11.17 -5.38
N GLY A 323 -4.11 -12.01 -4.42
CA GLY A 323 -2.95 -12.87 -4.59
C GLY A 323 -3.24 -14.18 -5.29
N ASN A 324 -2.17 -14.93 -5.53
CA ASN A 324 -2.21 -16.15 -6.33
C ASN A 324 -2.54 -17.39 -5.48
N ARG A 325 -3.72 -17.36 -4.85
CA ARG A 325 -4.27 -18.53 -4.21
C ARG A 325 -5.74 -18.65 -4.59
N GLN A 326 -6.28 -19.87 -4.45
CA GLN A 326 -7.69 -20.08 -4.77
C GLN A 326 -8.57 -19.37 -3.75
N GLN A 327 -9.60 -18.68 -4.24
CA GLN A 327 -10.40 -17.79 -3.41
C GLN A 327 -11.88 -17.94 -3.72
N THR A 328 -12.70 -17.65 -2.69
CA THR A 328 -14.15 -17.77 -2.79
C THR A 328 -14.80 -16.71 -1.90
N GLY A 329 -16.03 -16.34 -2.23
CA GLY A 329 -16.83 -15.52 -1.33
C GLY A 329 -16.93 -14.06 -1.72
N SER A 330 -17.46 -13.27 -0.77
CA SER A 330 -17.84 -11.89 -1.03
C SER A 330 -16.61 -10.98 -0.87
N LEU A 331 -15.82 -10.93 -1.94
CA LEU A 331 -14.63 -10.08 -1.97
C LEU A 331 -14.99 -8.61 -1.71
N LEU A 332 -16.01 -8.11 -2.38
CA LEU A 332 -16.39 -6.71 -2.26
C LEU A 332 -17.91 -6.61 -2.30
N THR A 333 -18.46 -5.93 -1.30
CA THR A 333 -19.90 -5.70 -1.23
C THR A 333 -20.16 -4.22 -1.05
N TYR A 334 -21.02 -3.68 -1.90
CA TYR A 334 -21.55 -2.33 -1.76
C TYR A 334 -22.93 -2.46 -1.14
N LYS A 335 -23.10 -1.97 0.07
CA LYS A 335 -24.44 -1.85 0.67
C LYS A 335 -24.85 -0.41 0.40
N LEU A 336 -25.49 -0.20 -0.76
CA LEU A 336 -25.85 1.15 -1.17
C LEU A 336 -26.99 1.70 -0.33
N ASP A 337 -27.77 0.81 0.25
CA ASP A 337 -29.03 1.13 0.90
C ASP A 337 -29.33 0.00 1.88
N ASN A 338 -30.19 0.27 2.85
CA ASN A 338 -30.69 -0.80 3.70
C ASN A 338 -31.44 -1.86 2.91
N SER A 339 -31.81 -1.57 1.65
CA SER A 339 -32.56 -2.49 0.81
C SER A 339 -31.83 -2.90 -0.46
N LEU A 340 -30.69 -2.28 -0.77
CA LEU A 340 -30.01 -2.46 -2.05
C LEU A 340 -28.56 -2.82 -1.76
N ASN A 341 -28.12 -3.99 -2.22
CA ASN A 341 -26.70 -4.33 -2.12
C ASN A 341 -26.25 -5.03 -3.39
N TRP A 342 -24.94 -4.95 -3.64
CA TRP A 342 -24.33 -5.38 -4.89
C TRP A 342 -22.98 -5.98 -4.54
N THR A 343 -22.76 -7.24 -4.91
CA THR A 343 -21.60 -8.00 -4.42
C THR A 343 -20.81 -8.63 -5.55
N VAL A 344 -19.49 -8.47 -5.49
CA VAL A 344 -18.55 -9.23 -6.31
C VAL A 344 -18.21 -10.50 -5.54
N SER A 345 -18.68 -11.65 -6.04
CA SER A 345 -18.54 -12.92 -5.34
C SER A 345 -17.67 -13.86 -6.15
N LEU A 346 -16.53 -14.26 -5.58
CA LEU A 346 -15.63 -15.20 -6.24
C LEU A 346 -16.07 -16.65 -6.04
N GLU A 347 -15.95 -17.43 -7.11
CA GLU A 347 -16.14 -18.87 -7.05
C GLU A 347 -14.79 -19.57 -7.20
N ALA A 348 -14.72 -20.79 -6.68
CA ALA A 348 -13.43 -21.48 -6.64
C ALA A 348 -12.91 -21.79 -8.03
N ASN A 349 -13.81 -21.97 -9.00
CA ASN A 349 -13.42 -22.26 -10.38
C ASN A 349 -12.92 -21.03 -11.13
N GLY A 350 -12.82 -19.88 -10.48
CA GLY A 350 -12.37 -18.66 -11.12
C GLY A 350 -13.48 -17.76 -11.63
N LYS A 351 -14.72 -18.23 -11.64
CA LYS A 351 -15.82 -17.39 -12.09
C LYS A 351 -16.08 -16.27 -11.10
N ILE A 352 -16.56 -15.13 -11.61
CA ILE A 352 -16.91 -13.99 -10.80
C ILE A 352 -18.41 -13.78 -10.92
N ALA A 353 -19.13 -14.06 -9.84
CA ALA A 353 -20.57 -13.84 -9.82
C ALA A 353 -20.87 -12.44 -9.32
N ILE A 354 -21.79 -11.75 -9.98
CA ILE A 354 -22.22 -10.42 -9.58
C ILE A 354 -23.62 -10.56 -9.01
N GLU A 355 -23.77 -10.31 -7.72
CA GLU A 355 -25.02 -10.59 -7.01
C GLU A 355 -25.68 -9.27 -6.62
N THR A 356 -26.91 -9.08 -7.08
CA THR A 356 -27.72 -7.90 -6.79
C THR A 356 -28.90 -8.29 -5.91
N VAL A 357 -29.10 -7.54 -4.83
CA VAL A 357 -30.28 -7.70 -3.99
C VAL A 357 -30.93 -6.34 -3.85
N ASP A 358 -32.20 -6.24 -4.24
CA ASP A 358 -32.99 -5.03 -4.07
C ASP A 358 -34.38 -5.49 -3.63
N ASN A 359 -34.70 -5.25 -2.36
CA ASN A 359 -35.97 -5.67 -1.78
C ASN A 359 -37.09 -4.69 -2.07
N THR A 360 -36.79 -3.58 -2.75
CA THR A 360 -37.80 -2.69 -3.29
C THR A 360 -38.13 -3.10 -4.73
N ASN A 361 -39.20 -2.51 -5.26
CA ASN A 361 -39.60 -2.76 -6.64
C ASN A 361 -38.76 -1.98 -7.66
N ALA A 362 -37.70 -1.28 -7.23
CA ALA A 362 -36.90 -0.49 -8.16
C ALA A 362 -36.06 -1.38 -9.06
N ASN A 363 -35.54 -2.48 -8.51
CA ASN A 363 -34.78 -3.45 -9.29
C ASN A 363 -35.17 -4.84 -8.84
N ASN A 364 -35.06 -5.79 -9.77
CA ASN A 364 -35.37 -7.19 -9.44
C ASN A 364 -34.27 -7.83 -8.61
N GLY A 365 -33.03 -7.81 -9.11
CA GLY A 365 -31.95 -8.53 -8.48
C GLY A 365 -31.81 -9.95 -9.02
N GLY A 366 -30.74 -10.59 -8.60
CA GLY A 366 -30.38 -11.89 -9.10
C GLY A 366 -28.87 -12.00 -9.23
N ARG A 367 -28.44 -12.96 -10.06
CA ARG A 367 -27.02 -13.21 -10.23
C ARG A 367 -26.66 -13.10 -11.70
N GLN A 368 -25.55 -12.43 -11.98
CA GLN A 368 -24.93 -12.42 -13.30
C GLN A 368 -23.48 -12.85 -13.13
N TYR A 369 -22.87 -13.27 -14.23
CA TYR A 369 -21.45 -13.63 -14.21
C TYR A 369 -20.68 -12.66 -15.08
N ALA A 370 -19.57 -12.17 -14.55
CA ALA A 370 -18.65 -11.37 -15.35
C ALA A 370 -18.07 -12.23 -16.46
N ASN A 371 -17.75 -11.58 -17.58
CA ASN A 371 -17.22 -12.25 -18.76
C ASN A 371 -15.72 -12.49 -18.59
N VAL A 372 -15.39 -13.35 -17.63
CA VAL A 372 -14.00 -13.64 -17.30
C VAL A 372 -13.95 -14.87 -16.42
N VAL A 373 -12.82 -15.57 -16.42
CA VAL A 373 -12.51 -16.60 -15.44
C VAL A 373 -11.13 -16.29 -14.86
N LEU A 374 -11.07 -16.09 -13.55
CA LEU A 374 -9.80 -15.80 -12.91
C LEU A 374 -8.90 -17.02 -12.88
N ASP A 375 -7.62 -16.82 -13.17
CA ASP A 375 -6.58 -17.84 -12.97
C ASP A 375 -5.94 -17.57 -11.60
N TYR A 376 -6.25 -18.41 -10.62
CA TYR A 376 -5.76 -18.16 -9.27
C TYR A 376 -4.30 -18.55 -9.07
N THR A 377 -3.61 -19.05 -10.09
CA THR A 377 -2.17 -19.25 -9.99
C THR A 377 -1.38 -17.98 -10.30
N LYS A 378 -2.06 -16.89 -10.63
CA LYS A 378 -1.45 -15.59 -10.77
C LYS A 378 -2.16 -14.59 -9.87
N ASP A 379 -1.50 -13.47 -9.62
CA ASP A 379 -2.19 -12.30 -9.08
C ASP A 379 -3.18 -11.76 -10.11
N ASN A 380 -4.26 -11.16 -9.62
CA ASN A 380 -5.26 -10.53 -10.47
C ASN A 380 -5.73 -9.22 -9.85
N SER A 381 -5.93 -8.20 -10.68
CA SER A 381 -6.52 -6.97 -10.18
C SER A 381 -7.99 -6.92 -10.55
N ILE A 382 -8.79 -6.39 -9.64
CA ILE A 382 -10.22 -6.25 -9.83
C ILE A 382 -10.61 -4.84 -9.41
N GLN A 383 -11.16 -4.07 -10.35
CA GLN A 383 -11.53 -2.69 -10.09
C GLN A 383 -12.98 -2.48 -10.44
N VAL A 384 -13.70 -1.78 -9.58
CA VAL A 384 -15.11 -1.46 -9.82
C VAL A 384 -15.29 0.04 -9.75
N ARG A 385 -15.78 0.64 -10.82
CA ARG A 385 -16.06 2.06 -10.79
C ARG A 385 -17.56 2.26 -10.95
N ALA A 386 -18.08 3.30 -10.30
CA ALA A 386 -19.52 3.52 -10.24
C ALA A 386 -19.81 5.01 -10.42
N SER A 387 -20.90 5.32 -11.12
CA SER A 387 -21.29 6.71 -11.28
C SER A 387 -22.79 6.78 -11.50
N VAL A 388 -23.38 7.90 -11.08
CA VAL A 388 -24.82 8.14 -11.23
C VAL A 388 -25.02 9.11 -12.38
N THR A 389 -25.82 8.72 -13.36
CA THR A 389 -26.24 9.61 -14.45
C THR A 389 -27.74 9.45 -14.61
N ASN A 390 -28.47 10.54 -14.39
CA ASN A 390 -29.91 10.61 -14.67
C ASN A 390 -30.66 9.42 -14.06
N LYS A 391 -30.50 9.27 -12.73
CA LYS A 391 -31.20 8.30 -11.90
C LYS A 391 -30.73 6.86 -12.10
N ILE A 392 -29.70 6.63 -12.90
CA ILE A 392 -29.18 5.29 -13.17
C ILE A 392 -27.77 5.20 -12.60
N LEU A 393 -27.53 4.17 -11.78
CA LEU A 393 -26.20 3.88 -11.25
C LEU A 393 -25.55 2.84 -12.13
N THR A 394 -24.44 3.18 -12.76
CA THR A 394 -23.70 2.27 -13.62
C THR A 394 -22.44 1.80 -12.90
N LEU A 395 -22.28 0.49 -12.78
CA LEU A 395 -21.08 -0.10 -12.21
C LEU A 395 -20.36 -0.89 -13.30
N GLU A 396 -19.06 -0.63 -13.45
CA GLU A 396 -18.23 -1.32 -14.42
C GLU A 396 -17.11 -2.04 -13.71
N VAL A 397 -16.89 -3.31 -14.09
CA VAL A 397 -15.88 -4.15 -13.45
C VAL A 397 -14.73 -4.36 -14.42
N PHE A 398 -13.52 -4.08 -13.96
CA PHE A 398 -12.31 -4.21 -14.75
C PHE A 398 -11.42 -5.25 -14.09
N VAL A 399 -11.13 -6.33 -14.81
CA VAL A 399 -10.23 -7.37 -14.33
C VAL A 399 -8.95 -7.29 -15.15
N ASN A 400 -7.82 -7.07 -14.47
CA ASN A 400 -6.53 -6.92 -15.14
C ASN A 400 -6.61 -5.88 -16.25
N GLY A 401 -7.34 -4.79 -15.98
CA GLY A 401 -7.43 -3.67 -16.90
C GLY A 401 -8.55 -3.77 -17.91
N ALA A 402 -9.17 -4.94 -18.05
CA ALA A 402 -10.17 -5.20 -19.09
C ALA A 402 -11.58 -5.10 -18.53
N LEU A 403 -12.46 -4.40 -19.24
CA LEU A 403 -13.87 -4.39 -18.88
C LEU A 403 -14.48 -5.77 -19.08
N VAL A 404 -15.09 -6.31 -18.04
CA VAL A 404 -15.71 -7.63 -18.11
C VAL A 404 -17.15 -7.64 -17.60
N HIS A 405 -17.66 -6.51 -17.11
CA HIS A 405 -19.05 -6.47 -16.67
C HIS A 405 -19.54 -5.04 -16.51
N THR A 406 -20.70 -4.74 -17.09
CA THR A 406 -21.38 -3.47 -16.87
C THR A 406 -22.75 -3.74 -16.27
N HIS A 407 -23.08 -3.01 -15.22
CA HIS A 407 -24.31 -3.18 -14.48
C HIS A 407 -25.02 -1.84 -14.34
N GLU A 408 -26.33 -1.84 -14.58
CA GLU A 408 -27.15 -0.65 -14.40
C GLU A 408 -28.18 -0.93 -13.33
N LEU A 409 -28.29 -0.01 -12.37
CA LEU A 409 -29.26 -0.11 -11.28
C LEU A 409 -30.11 1.15 -11.26
N PHE A 410 -31.42 0.97 -11.27
CA PHE A 410 -32.33 2.10 -11.22
C PHE A 410 -32.32 2.67 -9.80
N MET A 411 -32.03 3.96 -9.68
CA MET A 411 -32.11 4.62 -8.39
C MET A 411 -33.49 5.24 -8.15
N GLU A 412 -34.27 5.46 -9.21
CA GLU A 412 -35.60 6.07 -9.10
C GLU A 412 -36.51 5.40 -10.14
N ARG A 413 -37.30 4.43 -9.68
CA ARG A 413 -38.14 3.65 -10.58
C ARG A 413 -39.26 3.00 -9.78
N ASN A 414 -40.45 2.92 -10.38
CA ASN A 414 -41.60 2.25 -9.77
C ASN A 414 -41.91 2.80 -8.39
N GLY A 415 -41.75 4.12 -8.22
CA GLY A 415 -42.08 4.78 -6.98
C GLY A 415 -41.00 4.79 -5.91
N VAL A 416 -39.93 4.03 -6.10
CA VAL A 416 -38.86 3.95 -5.10
C VAL A 416 -37.79 4.99 -5.41
N THR A 417 -37.17 5.51 -4.36
CA THR A 417 -35.98 6.36 -4.48
C THR A 417 -34.92 5.81 -3.54
N HIS A 418 -33.83 5.32 -4.11
CA HIS A 418 -32.68 4.84 -3.32
C HIS A 418 -31.78 6.03 -3.02
N ASP A 419 -31.66 6.39 -1.74
CA ASP A 419 -30.74 7.43 -1.30
C ASP A 419 -29.42 6.75 -0.91
N ILE A 420 -28.40 6.91 -1.74
CA ILE A 420 -27.15 6.20 -1.56
C ILE A 420 -26.04 7.12 -1.07
N ARG A 421 -26.43 8.19 -0.37
CA ARG A 421 -25.43 9.11 0.17
C ARG A 421 -24.60 8.48 1.29
N LYS A 422 -25.08 7.40 1.91
CA LYS A 422 -24.32 6.72 2.95
C LYS A 422 -24.07 5.26 2.60
N SER A 423 -23.42 5.03 1.46
CA SER A 423 -23.13 3.67 1.05
C SER A 423 -22.06 3.05 1.94
N GLN A 424 -22.11 1.73 2.06
CA GLN A 424 -21.11 0.96 2.81
C GLN A 424 -20.27 0.14 1.85
N ILE A 425 -18.96 0.12 2.07
CA ILE A 425 -17.99 -0.63 1.27
C ILE A 425 -17.42 -1.73 2.14
N ILE A 426 -17.68 -2.99 1.77
CA ILE A 426 -17.35 -4.13 2.63
C ILE A 426 -16.40 -5.07 1.89
N PHE A 427 -15.23 -5.32 2.48
CA PHE A 427 -14.32 -6.35 1.99
C PHE A 427 -14.51 -7.63 2.80
N GLY A 428 -14.42 -8.78 2.11
CA GLY A 428 -14.63 -10.05 2.78
C GLY A 428 -14.24 -11.26 1.96
N GLY A 429 -14.89 -12.40 2.24
CA GLY A 429 -14.60 -13.64 1.56
C GLY A 429 -13.39 -14.38 2.11
N LYS A 430 -13.23 -15.61 1.63
CA LYS A 430 -11.99 -16.38 1.81
C LYS A 430 -11.01 -15.91 0.75
N THR A 431 -10.50 -14.70 0.94
CA THR A 431 -9.76 -13.99 -0.08
C THR A 431 -8.36 -13.68 0.42
N PHE A 432 -7.51 -13.26 -0.49
CA PHE A 432 -6.12 -12.90 -0.19
C PHE A 432 -5.87 -11.56 -0.87
N ILE A 433 -6.01 -10.48 -0.11
CA ILE A 433 -6.00 -9.13 -0.65
C ILE A 433 -4.63 -8.52 -0.41
N ASN A 434 -3.93 -8.19 -1.48
CA ASN A 434 -2.59 -7.62 -1.35
C ASN A 434 -2.62 -6.10 -1.22
N GLU A 435 -3.60 -5.44 -1.84
CA GLU A 435 -3.69 -3.99 -1.82
C GLU A 435 -5.09 -3.58 -2.25
N PHE A 436 -5.62 -2.53 -1.62
CA PHE A 436 -6.86 -1.95 -2.11
C PHE A 436 -6.80 -0.44 -1.98
N ALA A 437 -7.49 0.22 -2.90
CA ALA A 437 -7.58 1.67 -2.90
C ALA A 437 -9.01 2.06 -3.24
N VAL A 438 -9.54 3.03 -2.51
CA VAL A 438 -10.90 3.52 -2.74
C VAL A 438 -10.81 5.01 -3.05
N TYR A 439 -11.44 5.43 -4.14
CA TYR A 439 -11.49 6.81 -4.58
C TYR A 439 -12.93 7.31 -4.57
N ASN A 440 -13.15 8.54 -4.10
CA ASN A 440 -14.49 9.10 -4.17
C ASN A 440 -14.71 9.87 -5.47
N LYS A 441 -14.25 9.28 -6.57
CA LYS A 441 -14.67 9.67 -7.91
C LYS A 441 -14.69 8.42 -8.78
N LYS A 442 -15.34 8.55 -9.93
CA LYS A 442 -15.27 7.51 -10.95
C LYS A 442 -13.98 7.70 -11.71
N LEU A 443 -13.06 6.73 -11.60
CA LEU A 443 -11.80 6.85 -12.29
C LEU A 443 -12.03 6.79 -13.80
N THR A 444 -11.29 7.62 -14.54
CA THR A 444 -11.36 7.58 -15.99
C THR A 444 -10.75 6.29 -16.52
N ASP A 445 -11.00 6.02 -17.81
CA ASP A 445 -10.36 4.87 -18.46
C ASP A 445 -8.84 4.93 -18.30
N SER A 446 -8.26 6.12 -18.46
CA SER A 446 -6.82 6.25 -18.29
C SER A 446 -6.39 5.89 -16.87
N GLU A 447 -7.11 6.41 -15.87
CA GLU A 447 -6.74 6.14 -14.49
C GLU A 447 -6.91 4.67 -14.14
N ILE A 448 -7.95 4.02 -14.67
CA ILE A 448 -8.14 2.58 -14.46
C ILE A 448 -6.95 1.81 -15.00
N ASN A 449 -6.47 2.20 -16.18
CA ASN A 449 -5.34 1.50 -16.79
C ASN A 449 -4.06 1.75 -16.02
N ILE A 450 -3.87 2.99 -15.54
CA ILE A 450 -2.68 3.30 -14.74
C ILE A 450 -2.63 2.42 -13.50
N LEU A 451 -3.76 2.26 -12.81
CA LEU A 451 -3.76 1.42 -11.62
C LEU A 451 -3.58 -0.06 -11.98
N ALA A 452 -4.21 -0.50 -13.07
CA ALA A 452 -4.05 -1.91 -13.47
C ALA A 452 -2.59 -2.22 -13.78
N GLU A 453 -1.89 -1.30 -14.44
CA GLU A 453 -0.48 -1.54 -14.75
C GLU A 453 0.38 -1.50 -13.50
N TYR A 454 0.11 -0.59 -12.56
CA TYR A 454 0.84 -0.61 -11.29
C TYR A 454 0.66 -1.95 -10.57
N PHE A 455 -0.59 -2.43 -10.46
CA PHE A 455 -0.83 -3.71 -9.80
C PHE A 455 -0.09 -4.85 -10.51
N SER A 456 -0.07 -4.80 -11.84
CA SER A 456 0.54 -5.88 -12.60
C SER A 456 2.06 -5.86 -12.47
N ASP A 457 2.64 -4.70 -12.23
CA ASP A 457 4.10 -4.59 -12.15
C ASP A 457 4.63 -4.48 -10.73
N LYS A 458 3.76 -4.59 -9.71
CA LYS A 458 4.19 -4.31 -8.33
C LYS A 458 5.32 -5.23 -7.89
N TYR A 459 5.30 -6.48 -8.33
CA TYR A 459 6.33 -7.46 -7.99
C TYR A 459 7.12 -7.92 -9.21
N ARG A 460 7.09 -7.13 -10.29
CA ARG A 460 7.79 -7.46 -11.52
C ARG A 460 9.06 -6.62 -11.66
N ALA A 461 9.99 -7.15 -12.47
CA ALA A 461 11.28 -6.50 -12.68
C ALA A 461 11.12 -5.11 -13.27
N LYS A 462 11.69 -4.13 -12.59
CA LYS A 462 11.68 -2.75 -13.06
C LYS A 462 13.10 -2.19 -13.20
#